data_5N52
#
_entry.id   5N52
#
_cell.length_a   97.598
_cell.length_b   97.598
_cell.length_c   80.215
_cell.angle_alpha   90.00
_cell.angle_beta   90.00
_cell.angle_gamma   120.00
#
_symmetry.space_group_name_H-M   'P 65'
#
loop_
_entity.id
_entity.type
_entity.pdbx_description
1 polymer 'Serine/threonine-protein kinase pim-1'
2 polymer Pimtide
3 non-polymer '(~{E})-3-(2,3-dimethoxyphenyl)prop-2-enoic acid'
4 water water
#
loop_
_entity_poly.entity_id
_entity_poly.type
_entity_poly.pdbx_seq_one_letter_code
_entity_poly.pdbx_strand_id
1 'polypeptide(L)'
;MLLSKINSLAHLRAAPCNDLHATKLAPGKEKEPLESQYQVGPLLGSGGFGSVYSGIRVSDNLPVAIKHVEKDRISDWGEL
PNGTRVPMEVVLLKKVSSGFSGVIRLLDWFERPDSFVLILERPEPVQDLFDFITERGALQEELARSFFWQVLEAVRHCHN
CGVLHRDIKDENILIDLNRGELKLIDFGSGALLKDTVYTDFDGTRVYSPPEWIRYHRYHGRSAAVWSLGILLYDMVCGDI
PFEHDEEIIGGQVFFRQRVSSECQHLIRWCLALRPSDRPTFEEIQNHPWMQDVLLPQETAEIHLHSLSPGPSK
;
A
2 'polypeptide(L)' ARKRRRHPSGPPTA B
#
# COMPACT_ATOMS: atom_id res chain seq x y z
N PRO A 33 8.77 -0.26 29.85
CA PRO A 33 7.53 -0.97 30.19
C PRO A 33 6.69 -1.31 28.96
N LEU A 34 6.89 -2.50 28.40
CA LEU A 34 6.23 -2.89 27.16
C LEU A 34 4.91 -3.61 27.41
N GLU A 35 4.95 -4.74 28.11
CA GLU A 35 3.73 -5.47 28.40
C GLU A 35 2.84 -4.77 29.43
N SER A 36 3.31 -3.68 30.03
CA SER A 36 2.53 -2.93 31.01
C SER A 36 1.74 -1.78 30.41
N GLN A 37 2.06 -1.36 29.20
CA GLN A 37 1.32 -0.28 28.54
C GLN A 37 0.25 -0.77 27.59
N TYR A 38 0.32 -2.02 27.13
CA TYR A 38 -0.63 -2.54 26.16
C TYR A 38 -1.15 -3.90 26.63
N GLN A 39 -2.44 -4.13 26.41
CA GLN A 39 -3.03 -5.45 26.59
C GLN A 39 -3.04 -6.15 25.23
N VAL A 40 -2.24 -7.21 25.10
CA VAL A 40 -2.05 -7.88 23.81
C VAL A 40 -3.19 -8.87 23.60
N GLY A 41 -3.86 -8.76 22.46
CA GLY A 41 -4.89 -9.69 22.07
C GLY A 41 -4.41 -10.71 21.06
N PRO A 42 -5.25 -11.04 20.08
CA PRO A 42 -4.96 -12.15 19.17
C PRO A 42 -4.19 -11.75 17.92
N LEU A 43 -3.55 -12.75 17.33
CA LEU A 43 -2.88 -12.58 16.04
C LEU A 43 -3.82 -12.00 14.99
N LEU A 44 -3.29 -11.11 14.17
CA LEU A 44 -3.97 -10.64 12.97
C LEU A 44 -3.33 -11.13 11.68
N GLY A 45 -2.00 -11.30 11.68
CA GLY A 45 -1.30 -11.82 10.52
C GLY A 45 0.15 -12.11 10.84
N SER A 51 3.96 -11.46 12.00
CA SER A 51 3.48 -11.47 13.40
C SER A 51 2.97 -10.12 13.90
N VAL A 52 1.68 -9.88 13.69
CA VAL A 52 1.01 -8.66 14.11
C VAL A 52 -0.15 -9.03 15.00
N TYR A 53 -0.22 -8.43 16.19
CA TYR A 53 -1.21 -8.74 17.20
C TYR A 53 -2.16 -7.57 17.40
N SER A 54 -3.42 -7.88 17.65
CA SER A 54 -4.36 -6.86 18.09
C SER A 54 -4.04 -6.49 19.54
N GLY A 55 -4.23 -5.22 19.86
CA GLY A 55 -3.91 -4.77 21.19
C GLY A 55 -4.75 -3.55 21.51
N ILE A 56 -4.72 -3.17 22.77
CA ILE A 56 -5.40 -1.97 23.24
C ILE A 56 -4.44 -1.24 24.16
N ARG A 57 -4.25 0.06 23.93
CA ARG A 57 -3.37 0.85 24.76
C ARG A 57 -4.02 1.07 26.11
N VAL A 58 -3.34 0.65 27.19
CA VAL A 58 -3.97 0.67 28.50
C VAL A 58 -4.25 2.09 28.96
N SER A 59 -3.45 3.06 28.51
CA SER A 59 -3.65 4.46 28.86
C SER A 59 -5.08 4.92 28.58
N ASP A 60 -5.57 4.65 27.36
CA ASP A 60 -6.87 5.20 26.95
C ASP A 60 -7.70 4.22 26.13
N ASN A 61 -7.42 2.92 26.22
CA ASN A 61 -8.16 1.89 25.49
C ASN A 61 -8.14 2.12 23.99
N LEU A 62 -7.08 2.73 23.46
CA LEU A 62 -7.00 2.97 22.02
C LEU A 62 -6.68 1.67 21.30
N PRO A 63 -7.45 1.29 20.27
CA PRO A 63 -7.10 0.09 19.51
C PRO A 63 -5.77 0.28 18.78
N VAL A 64 -4.88 -0.70 18.95
CA VAL A 64 -3.55 -0.65 18.33
C VAL A 64 -3.25 -2.00 17.68
N ALA A 65 -2.26 -1.99 16.80
CA ALA A 65 -1.68 -3.20 16.26
C ALA A 65 -0.24 -3.28 16.75
N ILE A 66 0.17 -4.47 17.17
CA ILE A 66 1.46 -4.69 17.78
C ILE A 66 2.23 -5.62 16.85
N LYS A 67 3.21 -5.06 16.15
CA LYS A 67 3.94 -5.77 15.10
C LYS A 67 5.33 -6.12 15.60
N HIS A 68 5.67 -7.40 15.55
CA HIS A 68 6.99 -7.85 15.98
C HIS A 68 7.83 -8.17 14.76
N VAL A 69 9.09 -7.77 14.79
CA VAL A 69 10.02 -7.94 13.68
C VAL A 69 11.31 -8.52 14.24
N GLU A 70 11.70 -9.68 13.73
CA GLU A 70 12.91 -10.34 14.20
C GLU A 70 14.14 -9.64 13.65
N LYS A 71 15.06 -9.28 14.53
CA LYS A 71 16.28 -8.59 14.09
C LYS A 71 17.01 -9.40 13.02
N ASP A 72 17.17 -10.70 13.24
CA ASP A 72 17.98 -11.54 12.36
C ASP A 72 17.40 -11.64 10.96
N ARG A 73 16.23 -11.06 10.71
CA ARG A 73 15.56 -11.17 9.43
C ARG A 73 15.37 -9.82 8.75
N ILE A 74 16.09 -8.79 9.20
CA ILE A 74 15.91 -7.44 8.67
C ILE A 74 16.88 -7.21 7.52
N SER A 75 16.33 -6.80 6.37
CA SER A 75 17.13 -6.51 5.18
C SER A 75 17.89 -5.20 5.32
N ASP A 76 17.18 -4.07 5.28
CA ASP A 76 17.81 -2.76 5.31
C ASP A 76 17.70 -2.16 6.70
N TRP A 77 18.80 -1.61 7.19
CA TRP A 77 18.84 -0.90 8.46
C TRP A 77 19.02 0.59 8.22
N GLY A 78 18.55 1.37 9.19
CA GLY A 78 18.66 2.81 9.13
C GLY A 78 19.01 3.42 10.47
N GLU A 79 19.01 4.74 10.55
CA GLU A 79 19.34 5.44 11.79
C GLU A 79 18.36 6.57 12.01
N LEU A 80 17.84 6.66 13.22
CA LEU A 80 16.96 7.75 13.61
C LEU A 80 17.82 8.94 14.01
N PRO A 81 17.20 10.07 14.35
CA PRO A 81 18.00 11.19 14.88
C PRO A 81 18.86 10.79 16.07
N ASN A 82 18.28 10.08 17.04
CA ASN A 82 18.99 9.69 18.25
C ASN A 82 20.19 8.78 17.98
N GLY A 83 20.63 8.69 16.72
CA GLY A 83 21.77 7.87 16.36
C GLY A 83 21.48 6.39 16.47
N THR A 84 20.32 6.05 17.02
CA THR A 84 19.94 4.66 17.20
C THR A 84 19.83 3.98 15.84
N ARG A 85 20.39 2.78 15.75
CA ARG A 85 20.28 1.97 14.53
C ARG A 85 18.97 1.19 14.61
N VAL A 86 18.03 1.50 13.71
CA VAL A 86 16.72 0.88 13.71
C VAL A 86 16.46 0.31 12.32
N PRO A 87 15.54 -0.65 12.21
CA PRO A 87 15.14 -1.11 10.88
C PRO A 87 14.61 0.04 10.03
N MET A 88 14.88 -0.03 8.72
CA MET A 88 14.42 1.02 7.80
C MET A 88 12.92 1.27 7.94
N GLU A 89 12.16 0.21 8.21
CA GLU A 89 10.72 0.36 8.35
C GLU A 89 10.36 1.39 9.42
N VAL A 90 11.08 1.39 10.54
CA VAL A 90 10.84 2.39 11.59
C VAL A 90 11.19 3.78 11.07
N VAL A 91 12.33 3.92 10.39
CA VAL A 91 12.71 5.20 9.80
C VAL A 91 11.61 5.71 8.86
N LEU A 92 11.14 4.85 7.96
CA LEU A 92 10.13 5.30 7.00
C LEU A 92 8.83 5.65 7.71
N LEU A 93 8.43 4.83 8.69
CA LEU A 93 7.16 5.08 9.36
C LEU A 93 7.20 6.39 10.13
N LYS A 94 8.33 6.71 10.75
CA LYS A 94 8.45 8.01 11.44
C LYS A 94 8.40 9.15 10.44
N LYS A 95 8.99 8.99 9.26
CA LYS A 95 8.96 10.09 8.29
C LYS A 95 7.54 10.36 7.79
N VAL A 96 6.67 9.35 7.71
CA VAL A 96 5.32 9.59 7.22
C VAL A 96 4.32 9.78 8.34
N SER A 97 4.74 9.66 9.60
CA SER A 97 3.85 9.67 10.75
C SER A 97 3.28 11.04 11.07
N SER A 98 3.75 12.09 10.42
CA SER A 98 3.42 13.45 10.86
C SER A 98 2.00 13.79 10.46
N GLY A 99 1.14 13.98 11.46
CA GLY A 99 -0.21 14.45 11.22
C GLY A 99 -1.16 13.35 10.79
N PHE A 100 -2.21 13.78 10.09
CA PHE A 100 -3.25 12.90 9.61
C PHE A 100 -2.95 12.49 8.17
N SER A 101 -3.22 11.22 7.84
CA SER A 101 -2.98 10.77 6.48
C SER A 101 -3.69 9.43 6.25
N GLY A 102 -3.70 9.02 4.99
CA GLY A 102 -4.11 7.69 4.63
C GLY A 102 -2.98 6.70 4.81
N VAL A 103 -2.06 6.98 5.73
CA VAL A 103 -0.95 6.08 6.05
C VAL A 103 -1.09 5.64 7.50
N ILE A 104 -0.82 4.37 7.75
CA ILE A 104 -0.78 3.86 9.12
C ILE A 104 0.20 4.67 9.95
N ARG A 105 -0.18 5.00 11.17
CA ARG A 105 0.66 5.80 12.05
C ARG A 105 1.42 4.91 13.03
N LEU A 106 2.73 5.11 13.09
CA LEU A 106 3.54 4.50 14.14
C LEU A 106 3.37 5.30 15.41
N LEU A 107 2.79 4.70 16.45
CA LEU A 107 2.58 5.41 17.70
C LEU A 107 3.75 5.29 18.65
N ASP A 108 4.57 4.25 18.49
CA ASP A 108 5.68 4.00 19.40
C ASP A 108 6.40 2.76 18.88
N TRP A 109 7.59 2.51 19.42
CA TRP A 109 8.31 1.28 19.14
C TRP A 109 9.27 1.00 20.29
N PHE A 110 9.64 -0.27 20.43
CA PHE A 110 10.55 -0.76 21.45
C PHE A 110 11.59 -1.65 20.80
N GLU A 111 12.76 -1.73 21.42
CA GLU A 111 13.78 -2.70 21.04
C GLU A 111 13.90 -3.77 22.11
N ARG A 112 14.00 -5.02 21.68
CA ARG A 112 14.15 -6.19 22.54
C ARG A 112 15.44 -6.89 22.12
N PRO A 113 15.90 -7.91 22.86
CA PRO A 113 17.13 -8.60 22.46
C PRO A 113 17.17 -9.02 21.00
N ASP A 114 16.15 -9.73 20.51
CA ASP A 114 16.19 -10.27 19.16
C ASP A 114 15.14 -9.67 18.23
N SER A 115 14.40 -8.66 18.66
CA SER A 115 13.34 -8.13 17.81
C SER A 115 13.13 -6.65 18.09
N PHE A 116 12.44 -6.00 17.15
CA PHE A 116 11.81 -4.73 17.39
C PHE A 116 10.31 -4.93 17.44
N VAL A 117 9.64 -4.11 18.24
CA VAL A 117 8.18 -4.16 18.36
C VAL A 117 7.66 -2.78 17.98
N LEU A 118 6.69 -2.77 17.07
CA LEU A 118 6.13 -1.55 16.50
C LEU A 118 4.68 -1.44 16.95
N ILE A 119 4.32 -0.29 17.51
CA ILE A 119 2.96 -0.03 17.94
C ILE A 119 2.28 0.86 16.90
N LEU A 120 1.35 0.29 16.16
CA LEU A 120 0.67 0.95 15.07
C LEU A 120 -0.78 1.20 15.46
N GLU A 121 -1.38 2.23 14.86
CA GLU A 121 -2.80 2.43 15.04
C GLU A 121 -3.58 1.29 14.38
N ARG A 122 -4.72 0.95 14.94
CA ARG A 122 -5.59 -0.07 14.37
C ARG A 122 -6.99 0.47 14.16
N PRO A 123 -7.41 0.71 12.93
CA PRO A 123 -8.81 1.07 12.69
C PRO A 123 -9.72 -0.06 13.11
N GLU A 124 -10.92 0.32 13.53
CA GLU A 124 -11.93 -0.63 13.96
C GLU A 124 -13.30 0.02 13.74
N PRO A 125 -14.17 -0.66 12.98
CA PRO A 125 -13.91 -1.95 12.33
C PRO A 125 -13.12 -1.77 11.04
N VAL A 126 -12.42 -2.83 10.61
CA VAL A 126 -11.47 -2.75 9.51
C VAL A 126 -11.57 -4.02 8.67
N GLN A 127 -11.22 -3.90 7.39
CA GLN A 127 -10.99 -5.04 6.51
C GLN A 127 -9.95 -4.61 5.48
N ASP A 128 -8.97 -5.48 5.20
CA ASP A 128 -8.00 -5.09 4.18
C ASP A 128 -8.65 -5.20 2.80
N LEU A 129 -8.06 -4.49 1.84
CA LEU A 129 -8.69 -4.37 0.53
C LEU A 129 -8.69 -5.70 -0.22
N PHE A 130 -7.70 -6.58 0.01
CA PHE A 130 -7.70 -7.89 -0.65
C PHE A 130 -8.91 -8.73 -0.24
N ASP A 131 -9.16 -8.89 1.07
CA ASP A 131 -10.35 -9.63 1.51
C ASP A 131 -11.62 -8.98 1.01
N PHE A 132 -11.64 -7.64 0.97
CA PHE A 132 -12.81 -6.91 0.52
C PHE A 132 -13.13 -7.23 -0.95
N ILE A 133 -12.10 -7.31 -1.79
CA ILE A 133 -12.34 -7.59 -3.20
C ILE A 133 -12.67 -9.07 -3.42
N THR A 134 -12.04 -9.96 -2.64
CA THR A 134 -12.44 -11.35 -2.66
C THR A 134 -13.92 -11.51 -2.38
N GLU A 135 -14.41 -10.84 -1.31
CA GLU A 135 -15.80 -11.00 -0.92
C GLU A 135 -16.74 -10.31 -1.88
N ARG A 136 -16.36 -9.15 -2.43
CA ARG A 136 -17.32 -8.37 -3.20
C ARG A 136 -17.23 -8.57 -4.70
N GLY A 137 -16.16 -9.16 -5.21
CA GLY A 137 -15.94 -9.19 -6.63
C GLY A 137 -15.46 -7.84 -7.12
N ALA A 138 -15.54 -7.66 -8.44
CA ALA A 138 -15.16 -6.41 -9.08
C ALA A 138 -15.94 -5.24 -8.48
N LEU A 139 -15.24 -4.18 -8.11
CA LEU A 139 -15.89 -3.04 -7.48
C LEU A 139 -16.54 -2.13 -8.52
N GLN A 140 -17.75 -1.66 -8.21
CA GLN A 140 -18.35 -0.55 -8.97
C GLN A 140 -17.33 0.57 -9.16
N GLU A 141 -17.32 1.17 -10.35
CA GLU A 141 -16.30 2.17 -10.66
C GLU A 141 -16.34 3.34 -9.69
N GLU A 142 -17.52 3.73 -9.23
CA GLU A 142 -17.61 4.84 -8.29
C GLU A 142 -16.81 4.53 -7.02
N LEU A 143 -16.89 3.29 -6.54
CA LEU A 143 -16.19 2.90 -5.33
C LEU A 143 -14.71 2.76 -5.58
N ALA A 144 -14.34 2.15 -6.72
CA ALA A 144 -12.94 2.05 -7.09
C ALA A 144 -12.29 3.42 -7.23
N ARG A 145 -13.04 4.40 -7.77
CA ARG A 145 -12.51 5.76 -7.92
C ARG A 145 -12.22 6.38 -6.56
N SER A 146 -13.17 6.31 -5.63
CA SER A 146 -12.93 6.79 -4.27
C SER A 146 -11.72 6.10 -3.64
N PHE A 147 -11.68 4.76 -3.67
CA PHE A 147 -10.56 4.02 -3.09
C PHE A 147 -9.23 4.40 -3.75
N PHE A 148 -9.17 4.32 -5.09
CA PHE A 148 -7.94 4.61 -5.80
C PHE A 148 -7.48 6.04 -5.56
N TRP A 149 -8.41 7.00 -5.55
CA TRP A 149 -8.07 8.37 -5.22
C TRP A 149 -7.39 8.45 -3.85
N GLN A 150 -7.97 7.78 -2.85
CA GLN A 150 -7.37 7.83 -1.52
C GLN A 150 -6.01 7.16 -1.48
N VAL A 151 -5.81 6.11 -2.28
CA VAL A 151 -4.47 5.51 -2.34
C VAL A 151 -3.48 6.48 -2.98
N LEU A 152 -3.92 7.17 -4.03
CA LEU A 152 -3.07 8.18 -4.64
C LEU A 152 -2.65 9.26 -3.63
N GLU A 153 -3.61 9.79 -2.86
CA GLU A 153 -3.28 10.82 -1.87
C GLU A 153 -2.29 10.29 -0.84
N ALA A 154 -2.48 9.03 -0.41
CA ALA A 154 -1.58 8.45 0.58
C ALA A 154 -0.18 8.25 0.00
N VAL A 155 -0.09 7.83 -1.26
CA VAL A 155 1.23 7.60 -1.85
C VAL A 155 1.94 8.93 -2.11
N ARG A 156 1.20 9.94 -2.58
CA ARG A 156 1.76 11.28 -2.69
C ARG A 156 2.30 11.73 -1.35
N HIS A 157 1.55 11.47 -0.28
CA HIS A 157 2.03 11.84 1.05
C HIS A 157 3.34 11.16 1.34
N CYS A 158 3.48 9.87 1.02
CA CYS A 158 4.74 9.18 1.26
C CYS A 158 5.87 9.88 0.50
N HIS A 159 5.62 10.20 -0.77
CA HIS A 159 6.67 10.79 -1.59
C HIS A 159 7.03 12.18 -1.09
N ASN A 160 6.04 12.98 -0.67
CA ASN A 160 6.30 14.27 -0.05
C ASN A 160 7.24 14.14 1.15
N CYS A 161 7.08 13.06 1.93
CA CYS A 161 7.90 12.84 3.11
C CYS A 161 9.21 12.11 2.79
N GLY A 162 9.55 11.95 1.51
CA GLY A 162 10.80 11.28 1.16
C GLY A 162 10.78 9.77 1.25
N VAL A 163 9.60 9.14 1.16
CA VAL A 163 9.45 7.71 1.40
C VAL A 163 8.85 7.04 0.16
N LEU A 164 9.48 5.95 -0.28
CA LEU A 164 8.98 5.12 -1.36
C LEU A 164 8.48 3.80 -0.76
N HIS A 165 7.21 3.49 -0.94
CA HIS A 165 6.63 2.33 -0.27
C HIS A 165 7.11 1.02 -0.88
N ARG A 166 7.12 0.91 -2.21
CA ARG A 166 7.61 -0.24 -2.97
C ARG A 166 6.80 -1.52 -2.79
N ASP A 167 5.63 -1.47 -2.14
CA ASP A 167 4.81 -2.66 -2.06
C ASP A 167 3.34 -2.29 -2.05
N ILE A 168 2.93 -1.34 -2.90
CA ILE A 168 1.52 -1.00 -3.00
C ILE A 168 0.76 -2.19 -3.57
N LYS A 169 -0.28 -2.63 -2.88
CA LYS A 169 -1.13 -3.73 -3.34
C LYS A 169 -2.34 -3.78 -2.40
N ASP A 170 -3.38 -4.53 -2.81
CA ASP A 170 -4.61 -4.52 -2.02
C ASP A 170 -4.40 -5.12 -0.64
N GLU A 171 -3.47 -6.08 -0.50
CA GLU A 171 -3.17 -6.64 0.81
C GLU A 171 -2.61 -5.62 1.78
N ASN A 172 -2.00 -4.55 1.27
CA ASN A 172 -1.36 -3.54 2.10
C ASN A 172 -2.20 -2.28 2.22
N ILE A 173 -3.52 -2.42 2.07
CA ILE A 173 -4.47 -1.32 2.19
C ILE A 173 -5.58 -1.74 3.14
N LEU A 174 -5.76 -0.97 4.22
CA LEU A 174 -6.86 -1.21 5.15
C LEU A 174 -7.99 -0.25 4.86
N ILE A 175 -9.22 -0.76 4.99
CA ILE A 175 -10.43 0.04 4.86
C ILE A 175 -11.03 0.22 6.25
N ASP A 176 -11.10 1.47 6.72
CA ASP A 176 -11.91 1.78 7.88
C ASP A 176 -13.35 1.79 7.41
N LEU A 177 -14.09 0.75 7.76
CA LEU A 177 -15.43 0.53 7.23
C LEU A 177 -16.44 1.55 7.74
N ASN A 178 -16.19 2.20 8.87
CA ASN A 178 -17.16 3.20 9.31
C ASN A 178 -16.88 4.58 8.74
N ARG A 179 -15.60 4.95 8.63
CA ARG A 179 -15.25 6.27 8.10
C ARG A 179 -15.06 6.28 6.58
N GLY A 180 -14.97 5.13 5.93
CA GLY A 180 -14.75 5.12 4.49
C GLY A 180 -13.35 5.52 4.07
N GLU A 181 -12.40 5.52 4.99
CA GLU A 181 -11.02 5.95 4.77
C GLU A 181 -10.10 4.75 4.58
N LEU A 182 -9.16 4.90 3.64
CA LEU A 182 -8.18 3.87 3.37
C LEU A 182 -6.85 4.21 4.04
N LYS A 183 -6.15 3.17 4.50
CA LYS A 183 -4.87 3.33 5.17
C LYS A 183 -3.84 2.40 4.53
N LEU A 184 -2.73 2.97 4.06
CA LEU A 184 -1.62 2.20 3.53
C LEU A 184 -0.78 1.62 4.66
N ILE A 185 -0.43 0.34 4.58
CA ILE A 185 0.31 -0.32 5.65
C ILE A 185 1.54 -1.03 5.11
N ASP A 186 2.34 -1.52 6.04
CA ASP A 186 3.49 -2.40 5.84
C ASP A 186 4.55 -1.74 4.97
N PHE A 187 5.39 -0.94 5.62
CA PHE A 187 6.53 -0.31 4.97
C PHE A 187 7.78 -1.19 5.02
N GLY A 188 7.62 -2.48 5.26
CA GLY A 188 8.74 -3.42 5.37
C GLY A 188 9.57 -3.58 4.11
N SER A 189 9.08 -3.14 2.97
CA SER A 189 9.85 -3.20 1.73
C SER A 189 10.27 -1.84 1.22
N GLY A 190 9.99 -0.76 1.96
CA GLY A 190 10.16 0.57 1.44
C GLY A 190 11.61 1.00 1.41
N ALA A 191 11.83 2.18 0.84
CA ALA A 191 13.13 2.83 0.80
C ALA A 191 12.94 4.32 0.96
N LEU A 192 14.03 5.00 1.30
CA LEU A 192 14.09 6.44 1.10
C LEU A 192 13.84 6.73 -0.38
N LEU A 193 13.01 7.73 -0.65
CA LEU A 193 12.77 8.12 -2.04
C LEU A 193 14.02 8.78 -2.62
N LYS A 194 14.40 8.38 -3.83
CA LYS A 194 15.52 8.99 -4.54
C LYS A 194 15.18 9.07 -6.02
N ASP A 195 15.93 9.89 -6.73
CA ASP A 195 15.72 10.05 -8.16
C ASP A 195 16.61 9.16 -9.01
N THR A 196 17.61 8.51 -8.41
CA THR A 196 18.48 7.61 -9.16
C THR A 196 17.88 6.21 -9.20
N VAL A 197 18.53 5.33 -9.96
CA VAL A 197 17.98 4.02 -10.22
C VAL A 197 18.04 3.17 -8.96
N TYR A 198 17.00 2.36 -8.74
CA TYR A 198 17.03 1.30 -7.74
C TYR A 198 17.42 -0.01 -8.42
N THR A 199 18.28 -0.78 -7.76
CA THR A 199 18.68 -2.09 -8.27
C THR A 199 18.38 -3.21 -7.28
N ASP A 200 17.67 -2.90 -6.20
CA ASP A 200 17.21 -3.88 -5.22
C ASP A 200 15.69 -3.79 -5.11
N PHE A 201 15.05 -4.92 -4.79
CA PHE A 201 13.60 -4.97 -4.67
C PHE A 201 13.17 -6.16 -3.85
N ASP A 202 12.27 -5.95 -2.87
CA ASP A 202 11.73 -7.04 -2.07
C ASP A 202 10.22 -6.93 -1.90
N GLY A 203 9.54 -6.23 -2.81
CA GLY A 203 8.10 -6.12 -2.76
C GLY A 203 7.44 -7.31 -3.41
N THR A 204 6.22 -7.11 -3.88
CA THR A 204 5.42 -8.18 -4.46
C THR A 204 5.67 -8.23 -5.96
N ARG A 205 6.07 -9.40 -6.45
CA ARG A 205 6.55 -9.51 -7.83
C ARG A 205 5.45 -9.22 -8.84
N VAL A 206 4.23 -9.71 -8.59
CA VAL A 206 3.15 -9.54 -9.58
C VAL A 206 2.66 -8.10 -9.66
N TYR A 207 3.12 -7.22 -8.77
CA TYR A 207 2.89 -5.77 -8.88
C TYR A 207 4.14 -5.01 -9.34
N SER A 208 5.27 -5.73 -9.63
CA SER A 208 6.51 -5.04 -9.99
C SER A 208 6.55 -4.78 -11.50
N PRO A 209 7.27 -3.78 -11.95
CA PRO A 209 7.13 -3.34 -13.33
C PRO A 209 8.00 -4.17 -14.25
N PRO A 210 7.77 -4.10 -15.56
CA PRO A 210 8.54 -4.93 -16.48
C PRO A 210 10.02 -4.61 -16.49
N GLU A 211 10.40 -3.36 -16.20
CA GLU A 211 11.82 -3.04 -16.19
C GLU A 211 12.53 -3.72 -15.03
N TRP A 212 11.81 -3.97 -13.92
CA TRP A 212 12.39 -4.78 -12.85
C TRP A 212 12.52 -6.23 -13.30
N ILE A 213 11.46 -6.77 -13.91
CA ILE A 213 11.49 -8.15 -14.40
C ILE A 213 12.66 -8.37 -15.35
N ARG A 214 12.76 -7.52 -16.40
CA ARG A 214 13.71 -7.76 -17.48
C ARG A 214 15.13 -7.35 -17.09
N TYR A 215 15.30 -6.21 -16.42
CA TYR A 215 16.63 -5.62 -16.25
C TYR A 215 17.05 -5.42 -14.80
N HIS A 216 16.23 -5.85 -13.84
N HIS A 216 16.25 -5.83 -13.80
CA HIS A 216 16.49 -5.70 -12.40
CA HIS A 216 16.69 -5.73 -12.41
C HIS A 216 16.94 -4.28 -12.05
C HIS A 216 16.90 -4.27 -11.98
N ARG A 217 16.27 -3.30 -12.64
CA ARG A 217 16.41 -1.90 -12.25
C ARG A 217 15.07 -1.19 -12.47
N TYR A 218 14.89 -0.06 -11.79
CA TYR A 218 13.67 0.74 -11.91
C TYR A 218 13.88 2.08 -11.22
N HIS A 219 13.05 3.05 -11.59
CA HIS A 219 12.96 4.31 -10.88
C HIS A 219 11.71 4.32 -10.00
N GLY A 220 11.78 5.08 -8.91
CA GLY A 220 10.80 4.91 -7.84
C GLY A 220 9.38 5.26 -8.26
N ARG A 221 9.21 6.44 -8.82
CA ARG A 221 7.88 6.95 -9.09
C ARG A 221 7.20 6.18 -10.21
N SER A 222 7.93 5.91 -11.28
CA SER A 222 7.31 5.19 -12.37
C SER A 222 7.04 3.73 -11.98
N ALA A 223 7.86 3.16 -11.09
CA ALA A 223 7.55 1.82 -10.60
C ALA A 223 6.30 1.85 -9.74
N ALA A 224 6.18 2.86 -8.87
CA ALA A 224 4.98 3.01 -8.07
C ALA A 224 3.74 3.11 -8.96
N VAL A 225 3.83 3.92 -10.03
CA VAL A 225 2.68 4.11 -10.91
C VAL A 225 2.26 2.78 -11.54
N TRP A 226 3.23 1.95 -11.93
CA TRP A 226 2.90 0.63 -12.47
C TRP A 226 2.10 -0.18 -11.47
N SER A 227 2.56 -0.21 -10.21
CA SER A 227 1.84 -0.99 -9.21
C SER A 227 0.46 -0.42 -8.97
N LEU A 228 0.28 0.89 -9.15
CA LEU A 228 -1.04 1.49 -9.01
C LEU A 228 -1.96 1.08 -10.15
N GLY A 229 -1.40 0.93 -11.35
CA GLY A 229 -2.17 0.36 -12.46
C GLY A 229 -2.63 -1.06 -12.17
N ILE A 230 -1.73 -1.90 -11.67
CA ILE A 230 -2.12 -3.25 -11.25
C ILE A 230 -3.25 -3.16 -10.23
N LEU A 231 -3.08 -2.26 -9.25
CA LEU A 231 -4.07 -2.12 -8.19
C LEU A 231 -5.43 -1.70 -8.74
N LEU A 232 -5.45 -0.75 -9.67
CA LEU A 232 -6.70 -0.26 -10.20
C LEU A 232 -7.43 -1.35 -11.00
N TYR A 233 -6.69 -2.06 -11.87
CA TYR A 233 -7.26 -3.22 -12.56
C TYR A 233 -7.87 -4.20 -11.56
N ASP A 234 -7.13 -4.46 -10.47
CA ASP A 234 -7.58 -5.36 -9.42
C ASP A 234 -8.93 -4.94 -8.85
N MET A 235 -9.10 -3.63 -8.61
CA MET A 235 -10.35 -3.11 -8.07
C MET A 235 -11.50 -3.29 -9.04
N VAL A 236 -11.31 -2.92 -10.32
CA VAL A 236 -12.45 -2.92 -11.23
C VAL A 236 -12.67 -4.26 -11.92
N CYS A 237 -11.70 -5.18 -11.88
CA CYS A 237 -11.90 -6.49 -12.47
C CYS A 237 -12.02 -7.61 -11.46
N GLY A 238 -11.69 -7.37 -10.19
CA GLY A 238 -11.81 -8.39 -9.15
C GLY A 238 -10.56 -9.20 -8.90
N ASP A 239 -9.52 -9.07 -9.73
CA ASP A 239 -8.23 -9.69 -9.45
C ASP A 239 -7.18 -9.02 -10.32
N ILE A 240 -5.92 -9.24 -9.96
CA ILE A 240 -4.80 -8.59 -10.64
C ILE A 240 -4.72 -9.15 -12.06
N PRO A 241 -4.19 -8.41 -13.04
CA PRO A 241 -4.22 -8.89 -14.42
C PRO A 241 -3.14 -9.92 -14.75
N PHE A 242 -2.00 -9.86 -14.07
CA PHE A 242 -0.83 -10.66 -14.43
C PHE A 242 -0.44 -11.54 -13.27
N GLU A 243 -0.07 -12.78 -13.59
CA GLU A 243 0.49 -13.72 -12.63
C GLU A 243 1.91 -14.16 -12.96
N HIS A 244 2.31 -14.12 -14.23
CA HIS A 244 3.60 -14.65 -14.67
C HIS A 244 4.43 -13.53 -15.30
N ASP A 245 5.75 -13.68 -15.20
CA ASP A 245 6.68 -12.72 -15.80
C ASP A 245 6.31 -12.39 -17.24
N GLU A 246 6.01 -13.42 -18.04
CA GLU A 246 5.75 -13.20 -19.46
C GLU A 246 4.57 -12.26 -19.65
N GLU A 247 3.51 -12.41 -18.86
CA GLU A 247 2.40 -11.47 -18.94
C GLU A 247 2.85 -10.08 -18.52
N ILE A 248 3.69 -9.97 -17.50
CA ILE A 248 4.11 -8.65 -17.00
C ILE A 248 4.86 -7.90 -18.09
N ILE A 249 5.83 -8.56 -18.72
CA ILE A 249 6.62 -7.85 -19.73
C ILE A 249 5.91 -7.81 -21.07
N GLY A 250 4.82 -8.57 -21.22
CA GLY A 250 4.11 -8.66 -22.49
C GLY A 250 3.30 -7.43 -22.84
N GLY A 251 2.94 -6.61 -21.87
CA GLY A 251 2.27 -5.37 -22.21
C GLY A 251 0.96 -5.54 -22.95
N GLN A 252 0.15 -6.51 -22.55
CA GLN A 252 -1.20 -6.66 -23.07
C GLN A 252 -2.13 -6.77 -21.87
N VAL A 253 -3.24 -6.03 -21.92
CA VAL A 253 -4.17 -5.93 -20.83
C VAL A 253 -5.53 -6.35 -21.37
N PHE A 254 -5.96 -7.54 -20.99
CA PHE A 254 -7.28 -8.02 -21.33
C PHE A 254 -8.21 -7.72 -20.17
N PHE A 255 -9.38 -7.16 -20.47
CA PHE A 255 -10.38 -6.84 -19.46
C PHE A 255 -11.41 -7.96 -19.35
N ARG A 256 -11.48 -8.55 -18.17
CA ARG A 256 -12.32 -9.69 -17.87
C ARG A 256 -13.69 -9.26 -17.37
N GLN A 257 -13.83 -8.00 -17.00
CA GLN A 257 -15.09 -7.42 -16.57
C GLN A 257 -15.39 -6.22 -17.46
N ARG A 258 -16.66 -5.82 -17.46
N ARG A 258 -16.67 -5.83 -17.46
CA ARG A 258 -17.07 -4.58 -18.11
CA ARG A 258 -17.05 -4.59 -18.10
C ARG A 258 -16.43 -3.41 -17.38
C ARG A 258 -16.40 -3.43 -17.36
N VAL A 259 -15.62 -2.64 -18.09
CA VAL A 259 -14.93 -1.47 -17.53
C VAL A 259 -15.03 -0.35 -18.54
N SER A 260 -15.28 0.87 -18.05
CA SER A 260 -15.49 1.99 -18.94
C SER A 260 -14.23 2.25 -19.76
N SER A 261 -14.42 2.85 -20.94
CA SER A 261 -13.27 3.19 -21.78
C SER A 261 -12.32 4.15 -21.06
N GLU A 262 -12.86 5.10 -20.30
CA GLU A 262 -12.00 6.04 -19.59
C GLU A 262 -11.15 5.32 -18.55
N CYS A 263 -11.76 4.40 -17.80
CA CYS A 263 -11.00 3.66 -16.81
C CYS A 263 -9.99 2.71 -17.45
N GLN A 264 -10.37 2.04 -18.55
CA GLN A 264 -9.41 1.21 -19.29
C GLN A 264 -8.22 2.05 -19.75
N HIS A 265 -8.50 3.26 -20.24
CA HIS A 265 -7.41 4.11 -20.71
C HIS A 265 -6.44 4.44 -19.58
N LEU A 266 -6.97 4.86 -18.42
CA LEU A 266 -6.08 5.16 -17.30
C LEU A 266 -5.26 3.95 -16.91
N ILE A 267 -5.89 2.78 -16.80
CA ILE A 267 -5.16 1.57 -16.44
C ILE A 267 -4.04 1.30 -17.45
N ARG A 268 -4.39 1.31 -18.74
CA ARG A 268 -3.39 0.99 -19.77
C ARG A 268 -2.27 2.01 -19.76
N TRP A 269 -2.58 3.27 -19.44
CA TRP A 269 -1.56 4.28 -19.32
C TRP A 269 -0.62 3.98 -18.16
N CYS A 270 -1.19 3.66 -16.99
CA CYS A 270 -0.37 3.29 -15.85
C CYS A 270 0.52 2.09 -16.14
N LEU A 271 0.07 1.18 -17.01
CA LEU A 271 0.81 -0.03 -17.34
C LEU A 271 1.55 0.10 -18.67
N ALA A 272 1.88 1.31 -19.09
CA ALA A 272 2.80 1.44 -20.23
C ALA A 272 4.08 0.67 -19.95
N LEU A 273 4.54 -0.09 -20.96
CA LEU A 273 5.77 -0.85 -20.80
C LEU A 273 6.97 0.06 -20.57
N ARG A 274 7.08 1.13 -21.33
CA ARG A 274 8.18 2.06 -21.13
C ARG A 274 7.87 2.96 -19.94
N PRO A 275 8.78 3.04 -18.95
CA PRO A 275 8.46 3.84 -17.75
C PRO A 275 8.18 5.31 -18.02
N SER A 276 8.91 5.92 -18.96
CA SER A 276 8.71 7.34 -19.24
C SER A 276 7.36 7.61 -19.90
N ASP A 277 6.71 6.58 -20.46
CA ASP A 277 5.36 6.69 -21.01
C ASP A 277 4.27 6.67 -19.95
N ARG A 278 4.58 6.36 -18.70
CA ARG A 278 3.53 6.28 -17.69
C ARG A 278 3.15 7.67 -17.19
N PRO A 279 1.92 7.83 -16.71
CA PRO A 279 1.50 9.14 -16.20
C PRO A 279 2.19 9.47 -14.88
N THR A 280 2.43 10.76 -14.66
CA THR A 280 2.76 11.23 -13.32
C THR A 280 1.53 11.10 -12.41
N PHE A 281 1.76 11.24 -11.10
CA PHE A 281 0.65 11.27 -10.16
C PHE A 281 -0.34 12.37 -10.50
N GLU A 282 0.17 13.52 -10.94
CA GLU A 282 -0.72 14.63 -11.32
C GLU A 282 -1.59 14.25 -12.50
N GLU A 283 -0.99 13.65 -13.54
CA GLU A 283 -1.76 13.20 -14.70
C GLU A 283 -2.78 12.13 -14.33
N ILE A 284 -2.45 11.24 -13.40
CA ILE A 284 -3.45 10.29 -12.92
C ILE A 284 -4.63 11.03 -12.31
N GLN A 285 -4.36 11.97 -11.40
CA GLN A 285 -5.45 12.62 -10.70
C GLN A 285 -6.20 13.65 -11.54
N ASN A 286 -5.59 14.14 -12.62
CA ASN A 286 -6.32 14.95 -13.60
C ASN A 286 -6.99 14.10 -14.69
N HIS A 287 -6.82 12.79 -14.66
CA HIS A 287 -7.43 11.97 -15.71
C HIS A 287 -8.96 12.11 -15.66
N PRO A 288 -9.65 12.12 -16.81
CA PRO A 288 -11.11 12.26 -16.77
C PRO A 288 -11.81 11.22 -15.92
N TRP A 289 -11.29 9.99 -15.85
CA TRP A 289 -11.95 8.99 -15.02
C TRP A 289 -11.90 9.34 -13.53
N MET A 290 -10.98 10.21 -13.12
CA MET A 290 -10.78 10.48 -11.71
C MET A 290 -11.60 11.65 -11.18
N GLN A 291 -12.43 12.27 -12.03
CA GLN A 291 -13.17 13.45 -11.62
C GLN A 291 -14.41 13.09 -10.80
N ASP A 292 -14.79 14.02 -9.92
CA ASP A 292 -16.00 13.92 -9.09
C ASP A 292 -15.94 12.73 -8.14
N VAL A 293 -14.80 12.58 -7.48
CA VAL A 293 -14.65 11.53 -6.48
C VAL A 293 -15.60 11.76 -5.31
N LEU A 294 -16.05 10.66 -4.71
CA LEU A 294 -16.82 10.75 -3.47
C LEU A 294 -15.91 11.10 -2.29
N LEU A 295 -16.48 11.80 -1.32
CA LEU A 295 -15.80 12.01 -0.04
C LEU A 295 -15.72 10.67 0.70
N PRO A 296 -14.77 10.52 1.63
CA PRO A 296 -14.71 9.27 2.41
C PRO A 296 -16.03 8.91 3.09
N GLN A 297 -16.67 9.86 3.77
CA GLN A 297 -17.90 9.54 4.51
C GLN A 297 -19.03 9.15 3.57
N GLU A 298 -19.19 9.87 2.46
CA GLU A 298 -20.11 9.42 1.41
C GLU A 298 -19.79 8.01 0.97
N THR A 299 -18.50 7.71 0.75
CA THR A 299 -18.11 6.39 0.31
C THR A 299 -18.58 5.34 1.31
N ALA A 300 -18.40 5.61 2.61
CA ALA A 300 -18.85 4.68 3.63
C ALA A 300 -20.36 4.53 3.61
N GLU A 301 -21.09 5.65 3.51
CA GLU A 301 -22.55 5.57 3.61
C GLU A 301 -23.15 4.86 2.39
N ILE A 302 -22.65 5.15 1.20
CA ILE A 302 -23.23 4.56 -0.01
C ILE A 302 -22.82 3.10 -0.16
N HIS A 303 -21.58 2.78 0.20
CA HIS A 303 -20.95 1.55 -0.24
C HIS A 303 -20.52 0.62 0.86
N LEU A 304 -20.41 1.10 2.10
CA LEU A 304 -19.87 0.26 3.17
C LEU A 304 -20.83 0.04 4.32
N HIS A 305 -21.79 0.94 4.58
CA HIS A 305 -22.76 0.75 5.66
C HIS A 305 -23.95 -0.05 5.17
N LYS B 3 -8.11 -18.72 -10.13
CA LYS B 3 -8.12 -18.64 -8.67
C LYS B 3 -7.35 -17.41 -8.17
N ARG B 4 -8.00 -16.61 -7.32
CA ARG B 4 -7.41 -15.42 -6.74
C ARG B 4 -6.64 -15.76 -5.48
N ARG B 5 -5.45 -15.20 -5.35
CA ARG B 5 -4.61 -15.54 -4.21
C ARG B 5 -3.79 -14.33 -3.79
N ARG B 6 -3.36 -14.37 -2.53
CA ARG B 6 -2.40 -13.41 -2.02
C ARG B 6 -1.02 -13.74 -2.58
N HIS B 7 -0.10 -12.78 -2.47
CA HIS B 7 1.28 -12.96 -2.90
C HIS B 7 2.23 -12.35 -1.89
N PRO B 8 3.03 -13.16 -1.21
CA PRO B 8 3.99 -12.64 -0.23
C PRO B 8 5.03 -11.74 -0.89
N SER B 9 5.78 -11.04 -0.05
CA SER B 9 6.79 -10.09 -0.50
C SER B 9 8.18 -10.71 -0.43
#